data_2EFL
#
_entry.id   2EFL
#
_cell.length_a   200.985
_cell.length_b   41.397
_cell.length_c   56.467
_cell.angle_alpha   90.00
_cell.angle_beta   105.12
_cell.angle_gamma   90.00
#
_symmetry.space_group_name_H-M   'C 1 2 1'
#
loop_
_entity.id
_entity.type
_entity.pdbx_description
1 polymer 'Formin-binding protein 1'
2 water water
#
_entity_poly.entity_id   1
_entity_poly.type   'polypeptide(L)'
_entity_poly.pdbx_seq_one_letter_code
;GPLGS(MSE)SWGTELWDQFDNLEKHTQWGIDILEKYIKFVKERTEIELSYAKQLRNLSKKYQPKKNSKEEEEYKYTSCK
AFISNLNE(MSE)NDYAGQHEVISEN(MSE)ASQIIVDLARYVQELKQERKSNFHDGRKAQQHIETCWKQLESSKRRFER
DCKEADRAQQYFEK(MSE)DADINVTKADVEKARQQAQIRHQ(MSE)AEDSKADYSSILQKFNHEQHEYYHTHIPNIFQK
IQE(MSE)EERRIVR(MSE)GES(MSE)KTYAEVDRQVIPIIGKCLDGIVKAAESIDQKNDSQLVIEAYKSGFEPPGDIE
FEDYTQP(MSE)KRTVSDNSL
;
_entity_poly.pdbx_strand_id   A
#
# COMPACT_ATOMS: atom_id res chain seq x y z
N SER A 7 13.77 -1.44 -18.60
CA SER A 7 13.89 -1.46 -17.14
C SER A 7 14.06 -0.02 -16.66
N TRP A 8 13.52 0.31 -15.48
CA TRP A 8 13.66 1.68 -14.98
C TRP A 8 15.10 2.05 -14.69
N GLY A 9 15.93 1.06 -14.41
CA GLY A 9 17.33 1.31 -14.10
C GLY A 9 18.14 1.71 -15.30
N THR A 10 17.56 1.51 -16.48
CA THR A 10 18.26 1.84 -17.71
C THR A 10 17.54 2.98 -18.43
N GLU A 11 16.25 2.78 -18.68
CA GLU A 11 15.42 3.76 -19.38
C GLU A 11 15.06 4.95 -18.53
N LEU A 12 15.12 4.80 -17.22
CA LEU A 12 14.78 5.90 -16.32
C LEU A 12 15.94 6.25 -15.38
N TRP A 13 17.17 6.02 -15.83
CA TRP A 13 18.34 6.30 -15.01
C TRP A 13 18.34 7.69 -14.40
N ASP A 14 17.80 8.67 -15.12
CA ASP A 14 17.78 10.03 -14.61
C ASP A 14 16.40 10.47 -14.10
N GLN A 15 15.58 9.52 -13.71
CA GLN A 15 14.24 9.84 -13.23
C GLN A 15 14.03 9.56 -11.74
N PHE A 16 15.00 10.00 -10.94
CA PHE A 16 14.95 9.81 -9.51
C PHE A 16 13.72 10.49 -8.89
N ASP A 17 13.66 11.81 -8.99
CA ASP A 17 12.55 12.57 -8.44
C ASP A 17 11.17 12.11 -8.90
N ASN A 18 11.02 11.79 -10.20
CA ASN A 18 9.72 11.33 -10.69
C ASN A 18 9.35 9.95 -10.19
N LEU A 19 10.34 9.06 -10.05
CA LEU A 19 10.09 7.73 -9.55
C LEU A 19 9.73 7.82 -8.08
N GLU A 20 10.33 8.76 -7.39
CA GLU A 20 10.05 8.92 -5.97
C GLU A 20 8.60 9.37 -5.82
N LYS A 21 8.17 10.29 -6.68
CA LYS A 21 6.80 10.80 -6.66
C LYS A 21 5.83 9.70 -7.05
N HIS A 22 6.14 9.00 -8.14
CA HIS A 22 5.26 7.93 -8.61
C HIS A 22 5.05 6.88 -7.52
N THR A 23 6.14 6.41 -6.92
CA THR A 23 6.06 5.39 -5.87
C THR A 23 5.26 5.85 -4.65
N GLN A 24 5.33 7.14 -4.32
CA GLN A 24 4.55 7.65 -3.19
C GLN A 24 3.08 7.57 -3.60
N TRP A 25 2.81 8.03 -4.82
CA TRP A 25 1.45 7.98 -5.36
C TRP A 25 0.95 6.55 -5.19
N GLY A 26 1.80 5.60 -5.55
CA GLY A 26 1.45 4.20 -5.44
C GLY A 26 0.96 3.86 -4.05
N ILE A 27 1.71 4.30 -3.04
CA ILE A 27 1.33 4.03 -1.67
C ILE A 27 0.05 4.76 -1.31
N ASP A 28 -0.14 5.95 -1.87
CA ASP A 28 -1.34 6.72 -1.59
C ASP A 28 -2.62 6.01 -2.05
N ILE A 29 -2.64 5.46 -3.27
CA ILE A 29 -3.85 4.80 -3.72
C ILE A 29 -4.10 3.48 -2.99
N LEU A 30 -3.04 2.81 -2.56
CA LEU A 30 -3.24 1.58 -1.82
C LEU A 30 -3.82 2.00 -0.47
N GLU A 31 -3.31 3.10 0.07
CA GLU A 31 -3.82 3.61 1.35
C GLU A 31 -5.30 3.90 1.18
N LYS A 32 -5.65 4.54 0.07
CA LYS A 32 -7.03 4.89 -0.23
C LYS A 32 -7.83 3.62 -0.46
N TYR A 33 -7.25 2.62 -1.12
CA TYR A 33 -7.97 1.38 -1.35
C TYR A 33 -8.32 0.75 -0.01
N ILE A 34 -7.36 0.75 0.91
CA ILE A 34 -7.58 0.18 2.23
C ILE A 34 -8.74 0.86 2.94
N LYS A 35 -8.84 2.19 2.79
CA LYS A 35 -9.96 2.89 3.43
C LYS A 35 -11.28 2.41 2.85
N PHE A 36 -11.32 2.27 1.53
CA PHE A 36 -12.51 1.81 0.85
C PHE A 36 -13.05 0.52 1.47
N VAL A 37 -12.24 -0.55 1.46
CA VAL A 37 -12.67 -1.83 2.03
C VAL A 37 -12.96 -1.73 3.52
N LYS A 38 -12.26 -0.81 4.18
CA LYS A 38 -12.44 -0.59 5.60
C LYS A 38 -13.88 -0.12 5.81
N GLU A 39 -14.25 0.94 5.11
CA GLU A 39 -15.59 1.49 5.24
C GLU A 39 -16.66 0.49 4.81
N ARG A 40 -16.37 -0.27 3.77
CA ARG A 40 -17.31 -1.26 3.28
C ARG A 40 -17.60 -2.28 4.37
N THR A 41 -16.55 -2.81 4.98
CA THR A 41 -16.70 -3.79 6.05
C THR A 41 -17.55 -3.21 7.17
N GLU A 42 -17.28 -1.97 7.54
CA GLU A 42 -18.05 -1.30 8.58
C GLU A 42 -19.54 -1.31 8.20
N ILE A 43 -19.83 -1.00 6.94
CA ILE A 43 -21.22 -0.99 6.46
C ILE A 43 -21.86 -2.37 6.53
N GLU A 44 -21.08 -3.42 6.27
CA GLU A 44 -21.65 -4.76 6.35
C GLU A 44 -21.92 -5.09 7.80
N LEU A 45 -20.91 -4.91 8.64
CA LEU A 45 -21.08 -5.18 10.06
C LEU A 45 -22.31 -4.43 10.58
N SER A 46 -22.50 -3.19 10.12
CA SER A 46 -23.65 -2.41 10.55
C SER A 46 -24.93 -3.06 10.08
N TYR A 47 -25.01 -3.36 8.79
CA TYR A 47 -26.18 -4.01 8.20
C TYR A 47 -26.61 -5.22 9.03
N ALA A 48 -25.64 -6.07 9.35
CA ALA A 48 -25.89 -7.28 10.13
C ALA A 48 -26.49 -7.00 11.51
N LYS A 49 -25.93 -6.03 12.22
CA LYS A 49 -26.43 -5.69 13.55
C LYS A 49 -27.88 -5.26 13.40
N GLN A 50 -28.17 -4.53 12.32
CA GLN A 50 -29.52 -4.07 12.07
C GLN A 50 -30.52 -5.20 11.86
N LEU A 51 -30.13 -6.20 11.08
CA LEU A 51 -31.03 -7.33 10.85
C LEU A 51 -31.19 -8.08 12.16
N ARG A 52 -30.08 -8.30 12.86
CA ARG A 52 -30.18 -9.00 14.12
C ARG A 52 -31.10 -8.24 15.08
N ASN A 53 -30.92 -6.92 15.18
CA ASN A 53 -31.77 -6.17 16.09
C ASN A 53 -33.23 -6.20 15.70
N LEU A 54 -33.48 -6.24 14.39
CA LEU A 54 -34.83 -6.29 13.89
C LEU A 54 -35.49 -7.58 14.40
N SER A 55 -34.85 -8.72 14.16
CA SER A 55 -35.40 -10.01 14.58
C SER A 55 -35.70 -10.07 16.07
N LYS A 56 -34.89 -9.37 16.87
CA LYS A 56 -35.12 -9.34 18.31
C LYS A 56 -36.32 -8.48 18.65
N LYS A 57 -36.43 -7.34 17.97
CA LYS A 57 -37.53 -6.41 18.20
C LYS A 57 -38.91 -7.02 18.05
N TYR A 58 -39.11 -7.90 17.08
CA TYR A 58 -40.41 -8.51 16.86
C TYR A 58 -40.61 -9.87 17.49
N GLN A 59 -39.61 -10.37 18.19
CA GLN A 59 -39.76 -11.67 18.84
C GLN A 59 -40.79 -11.48 19.97
N PRO A 60 -41.46 -12.57 20.40
CA PRO A 60 -42.46 -12.50 21.47
C PRO A 60 -41.94 -11.97 22.81
N LYS A 61 -42.67 -11.03 23.39
CA LYS A 61 -42.31 -10.45 24.69
C LYS A 61 -42.90 -11.26 25.84
N GLU A 69 -51.24 -19.21 21.93
CA GLU A 69 -50.96 -18.29 20.81
C GLU A 69 -49.89 -18.88 19.90
N TYR A 70 -48.82 -19.32 20.52
CA TYR A 70 -47.69 -19.93 19.84
C TYR A 70 -48.10 -21.21 19.12
N LYS A 71 -49.23 -21.78 19.55
CA LYS A 71 -49.75 -23.02 19.02
C LYS A 71 -50.14 -22.97 17.54
N TYR A 72 -50.47 -21.76 17.06
CA TYR A 72 -50.87 -21.55 15.67
C TYR A 72 -49.72 -21.48 14.66
N THR A 73 -49.88 -22.21 13.56
CA THR A 73 -48.88 -22.26 12.51
C THR A 73 -48.53 -20.88 11.97
N SER A 74 -49.47 -19.96 12.08
CA SER A 74 -49.30 -18.59 11.62
C SER A 74 -48.15 -17.94 12.39
N CYS A 75 -48.14 -18.15 13.70
CA CYS A 75 -47.12 -17.59 14.58
C CYS A 75 -45.82 -18.36 14.47
N LYS A 76 -45.91 -19.68 14.46
CA LYS A 76 -44.71 -20.47 14.35
C LYS A 76 -43.92 -20.03 13.12
N ALA A 77 -44.62 -19.81 12.00
CA ALA A 77 -43.93 -19.39 10.79
C ALA A 77 -43.24 -18.04 10.98
N PHE A 78 -43.87 -17.16 11.76
CA PHE A 78 -43.34 -15.83 12.03
C PHE A 78 -42.05 -16.00 12.84
N ILE A 79 -42.11 -16.81 13.90
CA ILE A 79 -40.94 -17.05 14.74
C ILE A 79 -39.80 -17.65 13.91
N SER A 80 -40.13 -18.46 12.92
CA SER A 80 -39.08 -19.03 12.08
C SER A 80 -38.46 -17.97 11.18
N ASN A 81 -39.29 -17.04 10.71
CA ASN A 81 -38.80 -15.97 9.84
C ASN A 81 -37.75 -15.24 10.68
N LEU A 82 -38.16 -14.84 11.87
CA LEU A 82 -37.30 -14.12 12.81
C LEU A 82 -36.03 -14.89 13.13
N ASN A 83 -36.17 -16.15 13.54
CA ASN A 83 -35.01 -16.96 13.85
C ASN A 83 -34.08 -17.06 12.65
N GLU A 84 -34.64 -17.39 11.50
CA GLU A 84 -33.83 -17.52 10.29
C GLU A 84 -33.11 -16.22 10.02
N ASN A 86 -32.23 -13.97 12.25
CA ASN A 86 -31.24 -13.83 13.30
C ASN A 86 -29.98 -14.62 12.96
N ASP A 87 -30.17 -15.86 12.51
CA ASP A 87 -29.03 -16.71 12.17
C ASP A 87 -28.27 -16.15 10.98
N TYR A 88 -29.01 -15.71 9.95
CA TYR A 88 -28.34 -15.15 8.79
C TYR A 88 -27.49 -13.98 9.23
N ALA A 89 -28.09 -13.10 10.03
CA ALA A 89 -27.37 -11.92 10.48
C ALA A 89 -26.10 -12.34 11.17
N GLY A 90 -26.22 -13.26 12.11
CA GLY A 90 -25.05 -13.73 12.83
C GLY A 90 -24.02 -14.39 11.93
N GLN A 91 -24.51 -15.22 11.00
CA GLN A 91 -23.63 -15.91 10.08
C GLN A 91 -22.88 -14.89 9.25
N HIS A 92 -23.61 -13.91 8.75
CA HIS A 92 -23.05 -12.84 7.92
C HIS A 92 -22.01 -12.05 8.73
N GLU A 93 -22.38 -11.63 9.94
CA GLU A 93 -21.48 -10.87 10.79
C GLU A 93 -20.17 -11.58 11.07
N VAL A 94 -20.24 -12.86 11.39
CA VAL A 94 -19.03 -13.64 11.67
C VAL A 94 -18.06 -13.57 10.51
N ILE A 95 -18.56 -13.78 9.30
CA ILE A 95 -17.68 -13.73 8.12
C ILE A 95 -16.99 -12.39 8.06
N SER A 96 -17.67 -11.33 8.49
CA SER A 96 -17.10 -10.00 8.44
C SER A 96 -16.09 -9.69 9.53
N GLU A 97 -16.38 -10.09 10.76
CA GLU A 97 -15.44 -9.82 11.84
C GLU A 97 -14.18 -10.70 11.75
N ASN A 98 -14.28 -11.84 11.07
CA ASN A 98 -13.15 -12.74 10.92
C ASN A 98 -12.35 -12.63 9.62
N ALA A 100 -13.18 -10.80 6.47
CA ALA A 100 -13.12 -9.45 5.91
C ALA A 100 -12.10 -8.62 6.67
N SER A 101 -12.24 -8.64 8.01
CA SER A 101 -11.36 -7.88 8.90
C SER A 101 -9.90 -8.28 8.83
N GLN A 102 -9.63 -9.55 8.57
CA GLN A 102 -8.26 -10.05 8.49
C GLN A 102 -7.55 -9.51 7.26
N ILE A 103 -8.25 -9.45 6.13
CA ILE A 103 -7.65 -8.95 4.90
C ILE A 103 -7.12 -7.54 5.10
N ILE A 104 -7.90 -6.74 5.80
CA ILE A 104 -7.55 -5.35 6.10
C ILE A 104 -6.29 -5.29 6.95
N VAL A 105 -6.21 -6.19 7.92
CA VAL A 105 -5.07 -6.23 8.82
C VAL A 105 -3.81 -6.49 8.00
N ASP A 106 -3.86 -7.54 7.18
CA ASP A 106 -2.70 -7.89 6.37
C ASP A 106 -2.30 -6.76 5.43
N LEU A 107 -3.32 -6.05 4.93
CA LEU A 107 -3.09 -4.97 3.98
C LEU A 107 -2.45 -3.79 4.68
N ALA A 108 -2.90 -3.52 5.90
CA ALA A 108 -2.34 -2.42 6.69
C ALA A 108 -0.88 -2.76 7.00
N ARG A 109 -0.65 -3.99 7.45
CA ARG A 109 0.69 -4.44 7.76
C ARG A 109 1.57 -4.23 6.55
N TYR A 110 1.09 -4.73 5.41
CA TYR A 110 1.83 -4.62 4.16
C TYR A 110 2.24 -3.19 3.84
N VAL A 111 1.27 -2.28 3.84
CA VAL A 111 1.56 -0.88 3.56
C VAL A 111 2.67 -0.33 4.47
N GLN A 112 2.75 -0.85 5.68
CA GLN A 112 3.76 -0.36 6.59
C GLN A 112 5.17 -0.74 6.15
N GLU A 113 5.34 -1.98 5.68
CA GLU A 113 6.66 -2.40 5.23
C GLU A 113 7.02 -1.77 3.90
N LEU A 114 6.01 -1.57 3.07
CA LEU A 114 6.20 -0.96 1.76
C LEU A 114 6.85 0.40 1.97
N LYS A 115 6.26 1.20 2.86
CA LYS A 115 6.77 2.53 3.17
C LYS A 115 8.22 2.51 3.58
N GLN A 116 8.57 1.52 4.40
CA GLN A 116 9.94 1.37 4.86
C GLN A 116 10.81 0.97 3.68
N GLU A 117 10.41 -0.11 3.02
CA GLU A 117 11.13 -0.61 1.86
C GLU A 117 11.38 0.55 0.89
N ARG A 118 10.39 1.44 0.77
CA ARG A 118 10.52 2.57 -0.13
C ARG A 118 11.56 3.57 0.41
N LYS A 119 11.40 3.98 1.66
CA LYS A 119 12.35 4.91 2.27
C LYS A 119 13.77 4.37 2.15
N SER A 120 13.90 3.07 2.38
CA SER A 120 15.21 2.43 2.28
C SER A 120 15.79 2.55 0.88
N ASN A 121 15.12 1.98 -0.11
CA ASN A 121 15.60 1.99 -1.49
C ASN A 121 16.03 3.34 -2.02
N PHE A 122 15.30 4.40 -1.70
CA PHE A 122 15.69 5.71 -2.19
C PHE A 122 16.87 6.24 -1.39
N HIS A 123 17.06 5.71 -0.18
CA HIS A 123 18.19 6.16 0.61
C HIS A 123 19.45 5.68 -0.12
N ASP A 124 19.47 4.40 -0.50
CA ASP A 124 20.62 3.85 -1.24
C ASP A 124 20.84 4.74 -2.48
N GLY A 125 19.73 5.20 -3.05
CA GLY A 125 19.82 6.05 -4.23
C GLY A 125 20.45 7.37 -3.84
N ARG A 126 19.88 8.01 -2.83
CA ARG A 126 20.39 9.29 -2.35
C ARG A 126 21.88 9.13 -2.02
N LYS A 127 22.23 8.04 -1.34
CA LYS A 127 23.62 7.81 -0.98
C LYS A 127 24.57 7.61 -2.16
N ALA A 128 24.11 6.93 -3.20
CA ALA A 128 24.98 6.70 -4.34
C ALA A 128 25.23 7.98 -5.13
N GLN A 129 24.36 8.97 -4.96
CA GLN A 129 24.53 10.25 -5.65
C GLN A 129 25.51 11.06 -4.83
N GLN A 130 25.27 11.09 -3.52
CA GLN A 130 26.12 11.82 -2.60
C GLN A 130 27.57 11.41 -2.85
N HIS A 131 27.79 10.10 -2.99
CA HIS A 131 29.13 9.59 -3.23
C HIS A 131 29.75 10.05 -4.56
N ILE A 132 29.05 9.80 -5.66
CA ILE A 132 29.55 10.20 -6.99
C ILE A 132 29.79 11.71 -7.02
N GLU A 133 28.92 12.48 -6.36
CA GLU A 133 29.07 13.93 -6.32
C GLU A 133 30.30 14.31 -5.50
N THR A 134 30.73 13.42 -4.61
CA THR A 134 31.92 13.69 -3.80
C THR A 134 33.19 13.43 -4.60
N CYS A 135 33.15 12.46 -5.52
CA CYS A 135 34.33 12.13 -6.32
C CYS A 135 34.53 13.23 -7.34
N TRP A 136 33.44 13.89 -7.71
CA TRP A 136 33.49 14.98 -8.68
C TRP A 136 34.19 16.17 -8.03
N LYS A 137 33.76 16.52 -6.82
CA LYS A 137 34.35 17.63 -6.09
C LYS A 137 35.85 17.42 -6.04
N GLN A 138 36.25 16.17 -5.75
CA GLN A 138 37.67 15.81 -5.69
C GLN A 138 38.33 16.06 -7.03
N LEU A 139 37.74 15.49 -8.08
CA LEU A 139 38.30 15.63 -9.42
C LEU A 139 38.37 17.07 -9.87
N GLU A 140 37.36 17.86 -9.50
CA GLU A 140 37.32 19.26 -9.89
C GLU A 140 38.46 20.02 -9.19
N SER A 141 38.62 19.77 -7.89
CA SER A 141 39.65 20.43 -7.10
C SER A 141 41.04 20.05 -7.60
N SER A 142 41.22 18.79 -7.99
CA SER A 142 42.50 18.31 -8.48
C SER A 142 42.84 18.95 -9.82
N LYS A 143 41.81 19.19 -10.62
CA LYS A 143 41.98 19.82 -11.93
C LYS A 143 42.30 21.31 -11.80
N ARG A 144 41.72 21.98 -10.81
CA ARG A 144 42.00 23.40 -10.62
C ARG A 144 43.45 23.59 -10.22
N ARG A 145 43.94 22.67 -9.41
CA ARG A 145 45.32 22.68 -8.95
C ARG A 145 46.26 22.60 -10.16
N PHE A 146 46.05 21.59 -10.99
CA PHE A 146 46.87 21.40 -12.18
C PHE A 146 46.87 22.68 -13.01
N GLU A 147 45.68 23.26 -13.13
CA GLU A 147 45.46 24.49 -13.88
C GLU A 147 46.37 25.59 -13.37
N ARG A 148 46.19 25.96 -12.11
CA ARG A 148 46.99 27.04 -11.55
C ARG A 148 48.50 26.75 -11.58
N ASP A 149 48.89 25.52 -11.24
CA ASP A 149 50.31 25.17 -11.27
C ASP A 149 50.89 25.38 -12.68
N CYS A 150 50.05 25.20 -13.69
CA CYS A 150 50.51 25.39 -15.07
C CYS A 150 50.67 26.88 -15.38
N LYS A 151 49.75 27.70 -14.88
CA LYS A 151 49.81 29.15 -15.09
C LYS A 151 51.05 29.68 -14.38
N GLU A 152 51.44 29.00 -13.31
CA GLU A 152 52.60 29.36 -12.53
C GLU A 152 53.83 29.03 -13.35
N ALA A 153 53.88 27.81 -13.88
CA ALA A 153 55.02 27.38 -14.68
C ALA A 153 55.22 28.25 -15.92
N ASP A 154 54.14 28.52 -16.65
CA ASP A 154 54.24 29.36 -17.86
C ASP A 154 54.82 30.72 -17.48
N ARG A 155 54.28 31.29 -16.42
CA ARG A 155 54.70 32.59 -15.91
C ARG A 155 56.18 32.57 -15.58
N ALA A 156 56.64 31.54 -14.85
CA ALA A 156 58.05 31.42 -14.48
C ALA A 156 58.91 31.27 -15.73
N GLN A 157 58.44 30.44 -16.67
CA GLN A 157 59.20 30.23 -17.90
C GLN A 157 59.41 31.56 -18.61
N GLN A 158 58.31 32.29 -18.83
CA GLN A 158 58.41 33.58 -19.51
C GLN A 158 59.42 34.49 -18.84
N TYR A 159 59.43 34.52 -17.50
CA TYR A 159 60.37 35.36 -16.76
C TYR A 159 61.80 34.97 -17.08
N PHE A 160 62.09 33.67 -17.03
CA PHE A 160 63.41 33.15 -17.36
C PHE A 160 63.79 33.53 -18.79
N GLU A 161 62.86 33.34 -19.71
CA GLU A 161 63.12 33.67 -21.10
C GLU A 161 63.48 35.14 -21.18
N LYS A 162 62.80 35.94 -20.38
CA LYS A 162 63.05 37.38 -20.33
C LYS A 162 64.48 37.59 -19.82
N ASP A 164 66.91 35.59 -19.58
CA ASP A 164 67.87 34.99 -20.50
C ASP A 164 68.13 35.81 -21.76
N ALA A 165 67.21 36.70 -22.10
CA ALA A 165 67.34 37.54 -23.29
C ALA A 165 67.91 38.90 -22.92
N ASP A 166 67.83 39.24 -21.64
CA ASP A 166 68.32 40.52 -21.15
C ASP A 166 69.84 40.55 -21.07
N ILE A 167 70.43 41.36 -21.94
CA ILE A 167 71.86 41.53 -22.06
C ILE A 167 72.47 42.24 -20.85
N ASN A 168 71.67 43.01 -20.12
CA ASN A 168 72.16 43.74 -18.97
C ASN A 168 71.87 43.12 -17.61
N VAL A 169 71.65 41.81 -17.57
CA VAL A 169 71.38 41.10 -16.33
C VAL A 169 72.50 40.07 -16.15
N THR A 170 72.75 39.63 -14.92
CA THR A 170 73.84 38.67 -14.69
C THR A 170 73.43 37.22 -14.78
N LYS A 171 74.43 36.37 -15.00
CA LYS A 171 74.24 34.94 -15.09
C LYS A 171 73.69 34.41 -13.76
N ALA A 172 74.02 35.11 -12.67
CA ALA A 172 73.53 34.73 -11.36
C ALA A 172 72.02 34.95 -11.34
N ASP A 173 71.61 36.12 -11.83
CA ASP A 173 70.20 36.48 -11.89
C ASP A 173 69.45 35.53 -12.84
N VAL A 174 70.09 35.20 -13.95
CA VAL A 174 69.49 34.29 -14.91
C VAL A 174 69.30 32.94 -14.26
N GLU A 175 70.34 32.42 -13.62
CA GLU A 175 70.26 31.12 -12.96
C GLU A 175 69.09 31.00 -12.00
N LYS A 176 69.03 31.88 -11.01
CA LYS A 176 67.93 31.86 -10.06
C LYS A 176 66.59 31.74 -10.80
N ALA A 177 66.48 32.43 -11.94
CA ALA A 177 65.26 32.43 -12.75
C ALA A 177 65.04 31.08 -13.44
N ARG A 178 66.13 30.41 -13.79
CA ARG A 178 66.05 29.10 -14.44
C ARG A 178 65.60 28.09 -13.39
N GLN A 179 66.15 28.21 -12.19
CA GLN A 179 65.81 27.32 -11.08
C GLN A 179 64.34 27.45 -10.75
N GLN A 180 63.88 28.69 -10.67
CA GLN A 180 62.49 28.99 -10.35
C GLN A 180 61.54 28.43 -11.42
N ALA A 181 61.94 28.54 -12.69
CA ALA A 181 61.12 28.02 -13.77
C ALA A 181 61.00 26.50 -13.72
N GLN A 182 62.13 25.83 -13.49
CA GLN A 182 62.12 24.37 -13.47
C GLN A 182 61.41 23.76 -12.28
N ILE A 183 61.43 24.44 -11.14
CA ILE A 183 60.74 23.91 -9.96
C ILE A 183 59.24 24.01 -10.19
N ARG A 184 58.82 25.13 -10.75
CA ARG A 184 57.41 25.35 -11.04
C ARG A 184 56.95 24.32 -12.06
N HIS A 185 57.84 24.02 -12.99
CA HIS A 185 57.59 23.05 -14.04
C HIS A 185 57.33 21.68 -13.42
N GLN A 186 58.24 21.25 -12.54
CA GLN A 186 58.10 19.95 -11.88
C GLN A 186 56.80 19.87 -11.09
N ALA A 188 54.04 21.43 -11.71
CA ALA A 188 52.95 21.28 -12.66
C ALA A 188 52.85 19.80 -13.00
N GLU A 189 54.00 19.19 -13.28
CA GLU A 189 54.05 17.77 -13.59
C GLU A 189 53.54 16.88 -12.45
N ASP A 190 53.82 17.23 -11.19
CA ASP A 190 53.29 16.43 -10.09
C ASP A 190 51.78 16.59 -10.07
N SER A 191 51.32 17.83 -10.27
CA SER A 191 49.90 18.12 -10.29
C SER A 191 49.19 17.45 -11.46
N LYS A 192 49.88 17.28 -12.58
CA LYS A 192 49.28 16.62 -13.73
C LYS A 192 48.97 15.15 -13.44
N ALA A 193 49.91 14.51 -12.75
CA ALA A 193 49.79 13.10 -12.40
C ALA A 193 48.71 12.85 -11.36
N ASP A 194 48.55 13.78 -10.41
CA ASP A 194 47.52 13.64 -9.39
C ASP A 194 46.15 13.75 -10.06
N TYR A 195 45.99 14.74 -10.92
CA TYR A 195 44.76 14.98 -11.65
C TYR A 195 44.47 13.77 -12.55
N SER A 196 45.50 13.31 -13.26
CA SER A 196 45.36 12.18 -14.15
C SER A 196 44.90 10.94 -13.37
N SER A 197 45.47 10.77 -12.19
CA SER A 197 45.09 9.63 -11.38
C SER A 197 43.64 9.73 -10.91
N ILE A 198 43.26 10.92 -10.45
CA ILE A 198 41.91 11.15 -9.94
C ILE A 198 40.84 11.12 -11.04
N LEU A 199 41.19 11.59 -12.23
CA LEU A 199 40.23 11.58 -13.33
C LEU A 199 39.91 10.12 -13.65
N GLN A 200 40.89 9.25 -13.44
CA GLN A 200 40.74 7.83 -13.70
C GLN A 200 39.77 7.22 -12.68
N LYS A 201 39.97 7.56 -11.42
CA LYS A 201 39.09 7.05 -10.36
C LYS A 201 37.68 7.55 -10.62
N PHE A 202 37.54 8.83 -10.89
CA PHE A 202 36.23 9.38 -11.13
C PHE A 202 35.54 8.66 -12.28
N ASN A 203 36.26 8.45 -13.38
CA ASN A 203 35.64 7.79 -14.52
C ASN A 203 35.21 6.36 -14.17
N HIS A 204 35.91 5.73 -13.24
CA HIS A 204 35.53 4.38 -12.84
C HIS A 204 34.30 4.49 -11.95
N GLU A 205 34.36 5.37 -10.95
CA GLU A 205 33.26 5.55 -10.01
C GLU A 205 31.97 5.99 -10.69
N GLN A 206 32.10 6.80 -11.72
CA GLN A 206 30.95 7.28 -12.48
C GLN A 206 30.31 6.13 -13.24
N HIS A 207 31.14 5.33 -13.90
CA HIS A 207 30.65 4.18 -14.65
C HIS A 207 29.93 3.22 -13.73
N GLU A 208 30.47 3.06 -12.52
CA GLU A 208 29.87 2.16 -11.54
C GLU A 208 28.50 2.70 -11.15
N TYR A 209 28.41 4.02 -11.07
CA TYR A 209 27.17 4.69 -10.70
C TYR A 209 26.06 4.42 -11.70
N TYR A 210 26.29 4.77 -12.95
CA TYR A 210 25.29 4.60 -13.97
C TYR A 210 25.03 3.19 -14.45
N HIS A 211 26.03 2.33 -14.41
CA HIS A 211 25.82 0.97 -14.89
C HIS A 211 25.86 -0.13 -13.83
N THR A 212 25.66 0.25 -12.57
CA THR A 212 25.64 -0.71 -11.46
C THR A 212 24.73 -0.26 -10.32
N HIS A 213 25.14 0.81 -9.63
CA HIS A 213 24.38 1.28 -8.49
C HIS A 213 22.98 1.79 -8.83
N ILE A 214 22.85 2.63 -9.86
CA ILE A 214 21.53 3.12 -10.23
C ILE A 214 20.69 1.93 -10.70
N PRO A 215 21.26 1.09 -11.58
CA PRO A 215 20.51 -0.08 -12.06
C PRO A 215 20.04 -0.98 -10.91
N ASN A 216 20.96 -1.45 -10.08
CA ASN A 216 20.61 -2.29 -8.95
C ASN A 216 19.47 -1.69 -8.14
N ILE A 217 19.70 -0.49 -7.61
CA ILE A 217 18.72 0.22 -6.79
C ILE A 217 17.38 0.45 -7.49
N PHE A 218 17.40 0.97 -8.72
CA PHE A 218 16.16 1.22 -9.44
C PHE A 218 15.41 -0.06 -9.75
N GLN A 219 16.12 -1.18 -9.82
CA GLN A 219 15.44 -2.42 -10.11
C GLN A 219 14.71 -2.87 -8.86
N LYS A 220 15.32 -2.65 -7.69
CA LYS A 220 14.67 -3.02 -6.45
C LYS A 220 13.40 -2.18 -6.35
N ILE A 221 13.51 -0.90 -6.70
CA ILE A 221 12.36 -0.01 -6.64
C ILE A 221 11.28 -0.52 -7.60
N GLN A 222 11.68 -0.93 -8.81
CA GLN A 222 10.71 -1.44 -9.78
C GLN A 222 10.06 -2.71 -9.25
N GLU A 223 10.87 -3.68 -8.86
CA GLU A 223 10.32 -4.91 -8.30
C GLU A 223 9.38 -4.56 -7.14
N GLU A 225 7.56 -1.82 -6.61
CA GLU A 225 6.30 -1.27 -7.11
C GLU A 225 5.40 -2.32 -7.76
N GLU A 226 5.99 -3.23 -8.52
CA GLU A 226 5.22 -4.28 -9.18
C GLU A 226 4.59 -5.25 -8.19
N ARG A 227 5.19 -5.39 -7.02
CA ARG A 227 4.65 -6.26 -5.99
C ARG A 227 3.49 -5.55 -5.34
N ARG A 228 3.67 -4.26 -5.14
CA ARG A 228 2.66 -3.39 -4.53
C ARG A 228 1.41 -3.53 -5.40
N ILE A 229 1.57 -3.39 -6.71
CA ILE A 229 0.46 -3.52 -7.65
C ILE A 229 -0.23 -4.88 -7.55
N VAL A 230 0.56 -5.96 -7.59
CA VAL A 230 0.02 -7.31 -7.50
C VAL A 230 -0.70 -7.56 -6.19
N ARG A 231 -0.14 -7.07 -5.10
CA ARG A 231 -0.75 -7.27 -3.80
C ARG A 231 -2.16 -6.66 -3.73
N GLY A 233 -4.21 -6.13 -6.15
CA GLY A 233 -5.09 -6.96 -6.95
C GLY A 233 -5.50 -8.23 -6.22
N GLU A 234 -4.52 -8.92 -5.64
CA GLU A 234 -4.80 -10.15 -4.91
C GLU A 234 -5.78 -9.90 -3.77
N SER A 235 -5.61 -8.78 -3.08
CA SER A 235 -6.50 -8.42 -1.98
C SER A 235 -7.91 -8.15 -2.48
N LYS A 237 -9.35 -9.61 -5.21
CA LYS A 237 -9.95 -10.89 -5.56
C LYS A 237 -10.29 -11.68 -4.31
N THR A 238 -9.37 -11.64 -3.34
CA THR A 238 -9.58 -12.35 -2.09
C THR A 238 -10.82 -11.83 -1.41
N TYR A 239 -10.90 -10.51 -1.26
CA TYR A 239 -12.06 -9.90 -0.61
C TYR A 239 -13.37 -10.30 -1.31
N ALA A 240 -13.34 -10.44 -2.63
CA ALA A 240 -14.55 -10.80 -3.38
C ALA A 240 -14.98 -12.22 -3.07
N GLU A 241 -14.01 -13.10 -2.83
CA GLU A 241 -14.33 -14.49 -2.51
C GLU A 241 -15.02 -14.53 -1.16
N VAL A 242 -14.63 -13.61 -0.29
CA VAL A 242 -15.23 -13.53 1.04
C VAL A 242 -16.64 -13.03 0.85
N ASP A 243 -16.80 -11.95 0.09
CA ASP A 243 -18.13 -11.41 -0.17
C ASP A 243 -19.03 -12.46 -0.82
N ARG A 244 -18.43 -13.32 -1.63
CA ARG A 244 -19.16 -14.36 -2.35
C ARG A 244 -19.64 -15.51 -1.47
N GLN A 245 -19.42 -15.42 -0.17
CA GLN A 245 -19.85 -16.50 0.70
C GLN A 245 -21.22 -16.25 1.30
N VAL A 246 -21.78 -15.06 1.07
CA VAL A 246 -23.10 -14.76 1.61
C VAL A 246 -24.17 -15.50 0.85
N ILE A 247 -23.91 -15.75 -0.44
CA ILE A 247 -24.84 -16.45 -1.32
C ILE A 247 -25.23 -17.82 -0.77
N PRO A 248 -24.26 -18.59 -0.27
CA PRO A 248 -24.64 -19.91 0.28
C PRO A 248 -25.54 -19.76 1.52
N ILE A 249 -25.23 -18.78 2.37
CA ILE A 249 -26.00 -18.56 3.58
C ILE A 249 -27.30 -17.79 3.31
N ILE A 250 -27.30 -16.91 2.30
CA ILE A 250 -28.52 -16.20 1.94
C ILE A 250 -29.49 -17.26 1.45
N GLY A 251 -28.99 -18.13 0.58
CA GLY A 251 -29.80 -19.20 0.04
C GLY A 251 -30.41 -20.03 1.15
N LYS A 252 -29.59 -20.42 2.13
CA LYS A 252 -30.07 -21.20 3.26
C LYS A 252 -31.16 -20.50 4.06
N CYS A 253 -30.98 -19.20 4.31
CA CYS A 253 -31.97 -18.46 5.07
C CYS A 253 -33.31 -18.44 4.34
N LEU A 254 -33.28 -18.02 3.09
CA LEU A 254 -34.49 -17.93 2.28
C LEU A 254 -35.19 -19.28 2.15
N ASP A 255 -34.40 -20.34 2.08
CA ASP A 255 -34.98 -21.68 1.98
C ASP A 255 -35.67 -22.01 3.28
N GLY A 256 -35.04 -21.60 4.38
CA GLY A 256 -35.61 -21.83 5.70
C GLY A 256 -36.94 -21.10 5.77
N ILE A 257 -36.95 -19.86 5.30
CA ILE A 257 -38.17 -19.07 5.30
C ILE A 257 -39.25 -19.75 4.48
N VAL A 258 -38.97 -20.02 3.20
CA VAL A 258 -39.97 -20.66 2.36
C VAL A 258 -40.60 -21.85 3.07
N LYS A 259 -39.77 -22.72 3.63
CA LYS A 259 -40.28 -23.90 4.33
C LYS A 259 -41.21 -23.55 5.48
N ALA A 260 -40.90 -22.47 6.20
CA ALA A 260 -41.77 -22.05 7.30
C ALA A 260 -43.14 -21.70 6.72
N ALA A 261 -43.14 -20.84 5.71
CA ALA A 261 -44.39 -20.44 5.09
C ALA A 261 -45.16 -21.65 4.59
N GLU A 262 -44.45 -22.60 3.99
CA GLU A 262 -45.10 -23.79 3.47
C GLU A 262 -45.66 -24.72 4.53
N SER A 263 -45.28 -24.53 5.79
CA SER A 263 -45.79 -25.41 6.84
C SER A 263 -47.07 -24.87 7.50
N ILE A 264 -47.50 -23.68 7.08
CA ILE A 264 -48.71 -23.09 7.63
C ILE A 264 -49.87 -24.02 7.32
N ASP A 265 -50.83 -24.11 8.21
CA ASP A 265 -52.00 -24.98 7.99
C ASP A 265 -53.27 -24.36 8.58
N GLN A 266 -53.98 -23.61 7.76
CA GLN A 266 -55.22 -22.94 8.18
C GLN A 266 -56.25 -23.90 8.71
N LYS A 267 -56.27 -25.12 8.18
CA LYS A 267 -57.25 -26.11 8.61
C LYS A 267 -56.99 -26.58 10.04
N ASN A 268 -55.76 -26.96 10.35
CA ASN A 268 -55.46 -27.41 11.70
C ASN A 268 -55.63 -26.24 12.65
N ASP A 269 -55.21 -25.06 12.23
CA ASP A 269 -55.37 -23.86 13.06
C ASP A 269 -56.85 -23.70 13.48
N SER A 270 -57.80 -23.96 12.57
CA SER A 270 -59.22 -23.85 12.92
C SER A 270 -59.60 -24.96 13.88
N GLN A 271 -58.92 -26.10 13.76
CA GLN A 271 -59.17 -27.23 14.65
C GLN A 271 -58.67 -26.87 16.06
N LEU A 272 -57.54 -26.15 16.13
CA LEU A 272 -57.02 -25.74 17.43
C LEU A 272 -57.98 -24.77 18.08
N VAL A 273 -58.52 -23.85 17.28
CA VAL A 273 -59.47 -22.87 17.80
C VAL A 273 -60.68 -23.57 18.41
N ILE A 274 -61.06 -24.73 17.88
CA ILE A 274 -62.21 -25.45 18.42
C ILE A 274 -61.84 -26.12 19.73
N GLU A 275 -60.61 -26.63 19.81
CA GLU A 275 -60.14 -27.27 21.02
C GLU A 275 -59.84 -26.24 22.09
N ALA A 276 -59.66 -25.00 21.66
CA ALA A 276 -59.36 -23.90 22.57
C ALA A 276 -60.60 -23.32 23.25
N TYR A 277 -61.73 -23.36 22.55
CA TYR A 277 -62.95 -22.79 23.10
C TYR A 277 -64.16 -23.69 23.18
N LYS A 278 -64.15 -24.82 22.46
CA LYS A 278 -65.27 -25.74 22.53
C LYS A 278 -65.67 -25.80 24.00
N SER A 279 -66.95 -25.60 24.29
CA SER A 279 -67.40 -25.62 25.69
C SER A 279 -68.04 -26.95 26.07
N GLY A 280 -68.36 -27.77 25.06
CA GLY A 280 -68.99 -29.04 25.33
C GLY A 280 -70.50 -28.89 25.49
N PHE A 281 -70.97 -27.65 25.45
CA PHE A 281 -72.39 -27.36 25.57
C PHE A 281 -73.11 -27.50 24.24
N GLU A 282 -74.38 -27.86 24.30
CA GLU A 282 -75.21 -28.04 23.11
C GLU A 282 -76.26 -26.93 23.04
N PRO A 283 -76.58 -26.45 21.83
CA PRO A 283 -77.58 -25.39 21.73
C PRO A 283 -78.94 -25.83 22.31
N PRO A 284 -79.70 -24.87 22.87
CA PRO A 284 -81.00 -25.21 23.44
C PRO A 284 -82.02 -25.66 22.42
N GLY A 285 -82.86 -26.61 22.81
CA GLY A 285 -83.90 -27.09 21.93
C GLY A 285 -85.15 -26.26 22.09
N ASP A 286 -86.27 -26.77 21.60
CA ASP A 286 -87.54 -26.07 21.70
C ASP A 286 -87.93 -25.89 23.15
N ILE A 287 -88.66 -24.80 23.41
CA ILE A 287 -89.12 -24.51 24.76
C ILE A 287 -90.45 -25.18 25.03
N GLU A 288 -90.59 -25.70 26.24
CA GLU A 288 -91.80 -26.39 26.66
C GLU A 288 -92.98 -25.44 26.83
N PHE A 289 -94.17 -25.97 26.58
CA PHE A 289 -95.40 -25.20 26.72
C PHE A 289 -95.88 -25.34 28.16
N GLU A 290 -96.03 -24.22 28.87
CA GLU A 290 -96.52 -24.27 30.23
C GLU A 290 -98.01 -24.00 30.25
N ASP A 291 -98.81 -25.05 30.39
CA ASP A 291 -100.27 -24.93 30.43
C ASP A 291 -100.79 -24.70 31.84
N TYR A 292 -101.07 -23.44 32.17
CA TYR A 292 -101.56 -23.10 33.51
C TYR A 292 -103.03 -23.40 33.75
N THR A 293 -103.67 -24.18 32.88
CA THR A 293 -105.07 -24.49 33.09
C THR A 293 -105.24 -25.94 33.55
#